data_1JW9
#
_entry.id   1JW9
#
_cell.length_a   77.832
_cell.length_b   77.832
_cell.length_c   102.139
_cell.angle_alpha   90.00
_cell.angle_beta   90.00
_cell.angle_gamma   90.00
#
_symmetry.space_group_name_H-M   'P 41 21 2'
#
loop_
_entity.id
_entity.type
_entity.pdbx_description
1 polymer 'MOLYBDOPTERIN BIOSYNTHESIS MOEB PROTEIN'
2 polymer 'MOLYBDOPTERIN [MPT] CONVERTING FACTOR, SUBUNIT 1'
3 non-polymer 'ZINC ION'
4 non-polymer 'SULFATE ION'
5 water water
#
loop_
_entity_poly.entity_id
_entity_poly.type
_entity_poly.pdbx_seq_one_letter_code
_entity_poly.pdbx_strand_id
1 'polypeptide(L)'
;MAELSDQEMLRYNRQIILRGFDFDGQEALKDSRVLIVGLGGLGCAASQYLASAGVGNLTLLDFDTVSLSNLQRQTLHSDA
TVGQPKVESARDALTRINPHIAITPVNALLDDAELAALIAEHDLVLDCTDNVAVRNQLNAGCFAAKVPLVSGAAIRMEGQ
ITVFTYQDGEPCYRCLSRLFGENALTCVEAGVMAPLIGVIGSLQAMEAIKMLAGYGKPASGKIVMYDAMTCQFREMKLMR
NPGCEVCGQ
;
B
2 'polypeptide(L)'
;MIKVLFFAQVRELVGTDATEVAADFPTVEALRQHMAAQSDRWALALEDGKLLAAVNQTLVSFDHPLTDGDEVAFFPPVTG
G
;
D
#
# COMPACT_ATOMS: atom_id res chain seq x y z
N ALA A 2 25.02 5.24 -13.78
CA ALA A 2 25.69 5.81 -12.56
C ALA A 2 27.07 5.21 -12.37
N GLU A 3 27.89 5.91 -11.60
CA GLU A 3 29.13 5.39 -11.13
C GLU A 3 29.17 5.38 -9.61
N LEU A 4 29.33 4.23 -9.00
CA LEU A 4 29.49 4.14 -7.55
C LEU A 4 30.93 4.45 -7.13
N SER A 5 31.07 5.26 -6.10
CA SER A 5 32.37 5.46 -5.48
C SER A 5 32.85 4.22 -4.70
N ASP A 6 34.12 4.23 -4.34
CA ASP A 6 34.65 3.13 -3.58
C ASP A 6 33.92 3.02 -2.24
N GLN A 7 33.65 4.18 -1.64
CA GLN A 7 32.96 4.24 -0.37
C GLN A 7 31.51 3.72 -0.48
N GLU A 8 30.82 4.10 -1.56
CA GLU A 8 29.49 3.58 -1.81
C GLU A 8 29.56 2.06 -2.02
N MET A 9 30.53 1.55 -2.80
CA MET A 9 30.60 0.11 -3.03
C MET A 9 30.71 -0.66 -1.72
N LEU A 10 31.47 -0.14 -0.77
CA LEU A 10 31.60 -0.77 0.52
C LEU A 10 30.32 -0.62 1.37
N ARG A 11 29.69 0.54 1.31
CA ARG A 11 28.44 0.75 2.03
C ARG A 11 27.37 -0.19 1.55
N TYR A 12 27.29 -0.37 0.22
CA TYR A 12 26.22 -1.21 -0.36
C TYR A 12 26.63 -2.65 -0.65
N ASN A 13 27.71 -3.10 -0.03
CA ASN A 13 28.23 -4.43 -0.26
C ASN A 13 27.16 -5.52 -0.16
N ARG A 14 26.36 -5.51 0.90
CA ARG A 14 25.42 -6.60 1.07
C ARG A 14 24.36 -6.69 0.00
N GLN A 15 24.07 -5.59 -0.71
CA GLN A 15 23.18 -5.64 -1.85
C GLN A 15 23.94 -6.02 -3.11
N ILE A 16 25.10 -5.41 -3.29
CA ILE A 16 25.89 -5.69 -4.49
C ILE A 16 26.15 -7.19 -4.68
N ILE A 17 26.41 -7.89 -3.59
CA ILE A 17 26.76 -9.31 -3.68
C ILE A 17 25.57 -10.25 -3.89
N LEU A 18 24.37 -9.72 -3.91
CA LEU A 18 23.19 -10.49 -4.31
C LEU A 18 23.30 -10.76 -5.78
N ARG A 19 23.29 -12.02 -6.09
CA ARG A 19 23.54 -12.52 -7.42
C ARG A 19 23.04 -11.75 -8.63
N GLY A 20 21.73 -11.72 -8.75
CA GLY A 20 21.12 -11.07 -9.88
C GLY A 20 20.81 -9.61 -9.70
N PHE A 21 21.40 -9.02 -8.66
CA PHE A 21 21.26 -7.61 -8.36
C PHE A 21 22.53 -6.89 -8.83
N ASP A 22 23.67 -7.13 -8.15
CA ASP A 22 24.98 -6.79 -8.64
C ASP A 22 25.19 -5.28 -8.69
N PHE A 23 26.34 -4.91 -9.21
CA PHE A 23 26.65 -3.52 -9.36
C PHE A 23 25.60 -2.80 -10.21
N ASP A 24 25.10 -3.45 -11.25
CA ASP A 24 24.10 -2.81 -12.13
C ASP A 24 22.84 -2.47 -11.34
N GLY A 25 22.44 -3.34 -10.44
CA GLY A 25 21.23 -3.07 -9.66
C GLY A 25 21.46 -1.90 -8.73
N GLN A 26 22.63 -1.85 -8.10
CA GLN A 26 22.92 -0.75 -7.20
C GLN A 26 23.02 0.56 -7.96
N GLU A 27 23.67 0.52 -9.12
CA GLU A 27 23.69 1.70 -9.99
C GLU A 27 22.29 2.14 -10.42
N ALA A 28 21.40 1.19 -10.66
CA ALA A 28 20.04 1.52 -11.03
C ALA A 28 19.39 2.29 -9.89
N LEU A 29 19.63 1.85 -8.66
CA LEU A 29 19.07 2.60 -7.54
C LEU A 29 19.61 4.02 -7.44
N LYS A 30 20.94 4.15 -7.58
CA LYS A 30 21.62 5.44 -7.50
C LYS A 30 21.03 6.42 -8.50
N ASP A 31 20.67 5.91 -9.68
CA ASP A 31 20.16 6.74 -10.79
C ASP A 31 18.65 6.99 -10.69
N SER A 32 17.97 6.34 -9.74
CA SER A 32 16.53 6.45 -9.64
C SER A 32 16.01 7.69 -8.98
N ARG A 33 14.78 8.04 -9.36
CA ARG A 33 14.06 9.16 -8.77
C ARG A 33 12.71 8.63 -8.30
N VAL A 34 12.46 8.71 -6.99
CA VAL A 34 11.21 8.20 -6.44
C VAL A 34 10.48 9.30 -5.69
N LEU A 35 9.16 9.36 -5.92
CA LEU A 35 8.30 10.28 -5.25
C LEU A 35 7.54 9.55 -4.14
N ILE A 36 7.73 10.00 -2.89
CA ILE A 36 7.03 9.42 -1.74
C ILE A 36 6.00 10.43 -1.29
N VAL A 37 4.75 10.01 -1.36
CA VAL A 37 3.65 10.89 -1.02
C VAL A 37 3.06 10.50 0.31
N GLY A 38 3.23 11.34 1.32
CA GLY A 38 2.79 11.12 2.68
C GLY A 38 4.01 10.67 3.53
N LEU A 39 4.42 11.51 4.47
CA LEU A 39 5.54 11.24 5.33
C LEU A 39 5.06 11.06 6.76
N GLY A 40 4.00 10.27 6.89
CA GLY A 40 3.51 9.80 8.18
C GLY A 40 4.10 8.44 8.43
N GLY A 41 3.32 7.50 8.98
CA GLY A 41 3.85 6.22 9.40
C GLY A 41 4.42 5.42 8.26
N LEU A 42 3.58 5.19 7.26
CA LEU A 42 4.07 4.36 6.13
C LEU A 42 5.25 5.07 5.46
N GLY A 43 5.15 6.38 5.28
CA GLY A 43 6.20 7.12 4.56
C GLY A 43 7.54 7.14 5.29
N CYS A 44 7.54 7.30 6.61
CA CYS A 44 8.72 7.18 7.41
C CYS A 44 9.32 5.79 7.29
N ALA A 45 8.50 4.75 7.31
CA ALA A 45 9.01 3.40 7.26
C ALA A 45 9.62 3.08 5.90
N ALA A 46 8.92 3.46 4.84
CA ALA A 46 9.38 3.19 3.47
C ALA A 46 10.61 4.01 3.13
N SER A 47 10.55 5.29 3.42
CA SER A 47 11.67 6.20 3.08
C SER A 47 12.95 5.80 3.78
N GLN A 48 12.87 5.34 5.05
CA GLN A 48 14.10 5.01 5.76
C GLN A 48 14.88 3.91 5.00
N TYR A 49 14.20 2.87 4.49
CA TYR A 49 14.88 1.80 3.77
C TYR A 49 15.19 2.12 2.31
N LEU A 50 14.36 2.94 1.67
CA LEU A 50 14.78 3.46 0.34
C LEU A 50 16.05 4.25 0.45
N ALA A 51 16.17 5.11 1.43
CA ALA A 51 17.39 5.90 1.67
C ALA A 51 18.55 4.99 2.02
N SER A 52 18.41 4.08 2.98
CA SER A 52 19.53 3.23 3.37
C SER A 52 20.00 2.35 2.24
N ALA A 53 19.04 1.91 1.44
CA ALA A 53 19.31 1.05 0.30
C ALA A 53 20.07 1.77 -0.84
N GLY A 54 20.03 3.09 -0.87
CA GLY A 54 20.76 3.82 -1.89
C GLY A 54 19.94 4.40 -3.05
N VAL A 55 18.62 4.53 -2.88
CA VAL A 55 17.84 5.13 -3.93
C VAL A 55 18.30 6.58 -4.00
N GLY A 56 18.81 6.97 -5.15
CA GLY A 56 19.57 8.22 -5.24
C GLY A 56 18.93 9.59 -5.10
N ASN A 57 17.65 9.67 -5.46
CA ASN A 57 16.86 10.87 -5.49
C ASN A 57 15.51 10.55 -4.93
N LEU A 58 15.21 11.17 -3.77
CA LEU A 58 13.88 11.07 -3.15
C LEU A 58 13.23 12.41 -3.09
N THR A 59 11.99 12.51 -3.57
CA THR A 59 11.16 13.64 -3.36
C THR A 59 10.11 13.31 -2.33
N LEU A 60 9.98 14.14 -1.32
CA LEU A 60 9.07 13.90 -0.21
C LEU A 60 7.94 14.92 -0.29
N LEU A 61 6.74 14.42 -0.44
CA LEU A 61 5.58 15.29 -0.59
C LEU A 61 4.56 15.15 0.51
N ASP A 62 4.24 16.20 1.25
CA ASP A 62 3.23 16.15 2.27
C ASP A 62 3.01 17.58 2.70
N PHE A 63 1.81 17.87 3.16
CA PHE A 63 1.44 19.20 3.58
C PHE A 63 1.43 19.30 5.12
N ASP A 64 1.44 18.18 5.82
CA ASP A 64 1.15 18.15 7.26
C ASP A 64 2.35 18.38 8.15
N THR A 65 2.07 18.72 9.42
CA THR A 65 3.10 18.92 10.42
C THR A 65 3.12 17.76 11.40
N VAL A 66 4.25 17.63 12.07
CA VAL A 66 4.47 16.57 13.05
C VAL A 66 3.65 16.87 14.32
N SER A 67 2.93 15.88 14.83
CA SER A 67 2.14 16.08 16.04
C SER A 67 2.55 15.10 17.10
N LEU A 68 2.21 15.35 18.36
CA LEU A 68 2.60 14.41 19.44
C LEU A 68 2.07 12.99 19.24
N SER A 69 0.88 12.86 18.69
CA SER A 69 0.35 11.53 18.51
C SER A 69 1.05 10.74 17.45
N ASN A 70 1.70 11.37 16.49
CA ASN A 70 2.44 10.70 15.42
C ASN A 70 3.62 9.93 15.89
N LEU A 71 4.17 10.38 17.00
CA LEU A 71 5.44 9.81 17.47
C LEU A 71 5.37 8.35 17.96
N GLN A 72 4.18 7.84 18.01
CA GLN A 72 3.97 6.46 18.45
C GLN A 72 4.43 5.56 17.32
N ARG A 73 4.43 6.09 16.07
CA ARG A 73 4.71 5.26 14.88
C ARG A 73 5.51 5.89 13.76
N GLN A 74 5.83 7.16 13.82
CA GLN A 74 6.52 7.81 12.74
C GLN A 74 7.93 8.09 13.22
N THR A 75 8.80 7.09 13.10
CA THR A 75 10.01 7.12 13.84
C THR A 75 11.10 8.03 13.34
N LEU A 76 10.92 8.60 12.16
CA LEU A 76 11.86 9.61 11.71
C LEU A 76 11.63 10.91 12.48
N HIS A 77 10.41 11.16 12.88
CA HIS A 77 10.07 12.41 13.58
C HIS A 77 10.38 12.22 15.11
N SER A 78 10.49 13.33 15.83
CA SER A 78 10.77 13.21 17.22
C SER A 78 10.14 14.38 18.00
N ASP A 79 10.26 14.31 19.31
CA ASP A 79 9.61 15.34 20.14
C ASP A 79 10.14 16.74 19.76
N ALA A 80 11.41 16.79 19.42
CA ALA A 80 12.05 18.04 19.00
C ALA A 80 11.49 18.61 17.72
N THR A 81 10.86 17.78 16.87
CA THR A 81 10.29 18.26 15.59
C THR A 81 8.80 18.39 15.57
N VAL A 82 8.15 18.20 16.71
CA VAL A 82 6.70 18.44 16.79
C VAL A 82 6.44 19.90 16.38
N GLY A 83 5.51 20.08 15.45
CA GLY A 83 5.20 21.38 14.89
C GLY A 83 5.86 21.66 13.57
N GLN A 84 6.94 20.94 13.22
CA GLN A 84 7.61 21.17 11.93
C GLN A 84 6.89 20.42 10.80
N PRO A 85 7.02 20.90 9.57
CA PRO A 85 6.48 20.14 8.43
C PRO A 85 7.10 18.74 8.42
N LYS A 86 6.28 17.77 8.19
CA LYS A 86 6.76 16.40 8.14
C LYS A 86 7.88 16.20 7.13
N VAL A 87 7.77 16.87 5.97
CA VAL A 87 8.81 16.71 4.94
C VAL A 87 10.16 17.23 5.36
N GLU A 88 10.20 18.27 6.18
CA GLU A 88 11.46 18.76 6.69
C GLU A 88 12.06 17.88 7.78
N SER A 89 11.22 17.49 8.76
CA SER A 89 11.63 16.56 9.79
C SER A 89 12.15 15.25 9.15
N ALA A 90 11.42 14.69 8.20
CA ALA A 90 11.86 13.50 7.53
C ALA A 90 13.17 13.67 6.75
N ARG A 91 13.27 14.75 5.99
CA ARG A 91 14.49 15.02 5.24
C ARG A 91 15.73 15.05 6.15
N ASP A 92 15.59 15.72 7.28
CA ASP A 92 16.74 15.83 8.19
C ASP A 92 17.17 14.47 8.75
N ALA A 93 16.20 13.63 9.03
CA ALA A 93 16.48 12.28 9.47
C ALA A 93 17.05 11.38 8.36
N LEU A 94 16.51 11.51 7.15
CA LEU A 94 16.94 10.63 6.07
C LEU A 94 18.34 10.99 5.61
N THR A 95 18.68 12.26 5.69
CA THR A 95 20.02 12.62 5.22
C THR A 95 21.10 12.04 6.17
N ARG A 96 20.76 11.83 7.43
CA ARG A 96 21.63 11.15 8.36
C ARG A 96 21.71 9.65 8.12
N ILE A 97 20.60 9.05 7.69
CA ILE A 97 20.61 7.65 7.31
C ILE A 97 21.53 7.38 6.11
N ASN A 98 21.51 8.26 5.12
CA ASN A 98 22.39 8.07 3.98
C ASN A 98 22.77 9.42 3.40
N PRO A 99 24.01 9.87 3.67
CA PRO A 99 24.40 11.21 3.17
C PRO A 99 24.71 11.33 1.73
N HIS A 100 24.63 10.22 1.00
CA HIS A 100 24.99 10.14 -0.41
C HIS A 100 23.83 10.47 -1.32
N ILE A 101 22.61 10.49 -0.78
CA ILE A 101 21.46 10.69 -1.66
C ILE A 101 20.92 12.11 -1.63
N ALA A 102 20.15 12.47 -2.65
CA ALA A 102 19.51 13.74 -2.76
C ALA A 102 18.02 13.67 -2.37
N ILE A 103 17.66 14.51 -1.40
CA ILE A 103 16.32 14.55 -0.83
C ILE A 103 15.72 15.91 -1.06
N THR A 104 14.60 15.89 -1.77
CA THR A 104 13.84 17.12 -2.03
C THR A 104 12.47 17.14 -1.28
N PRO A 105 12.34 17.97 -0.25
CA PRO A 105 11.10 18.08 0.51
C PRO A 105 10.18 19.08 -0.19
N VAL A 106 8.92 18.68 -0.38
CA VAL A 106 7.91 19.56 -0.98
C VAL A 106 6.77 19.67 0.00
N ASN A 107 6.63 20.78 0.68
CA ASN A 107 5.61 21.01 1.68
C ASN A 107 4.45 21.71 1.03
N ALA A 108 3.57 20.96 0.44
CA ALA A 108 2.47 21.50 -0.34
C ALA A 108 1.36 20.48 -0.50
N LEU A 109 0.17 20.96 -0.87
CA LEU A 109 -0.92 20.09 -1.19
C LEU A 109 -1.10 20.37 -2.69
N LEU A 110 -0.75 19.42 -3.56
CA LEU A 110 -0.72 19.71 -4.98
C LEU A 110 -2.04 19.36 -5.70
N ASP A 111 -2.33 20.14 -6.73
CA ASP A 111 -3.49 19.86 -7.60
C ASP A 111 -3.11 18.90 -8.72
N ASP A 112 -4.07 18.48 -9.53
CA ASP A 112 -3.78 17.52 -10.58
C ASP A 112 -2.79 17.97 -11.62
N ALA A 113 -2.80 19.23 -11.99
CA ALA A 113 -1.86 19.64 -12.99
C ALA A 113 -0.43 19.59 -12.45
N GLU A 114 -0.30 19.99 -11.20
CA GLU A 114 1.01 19.99 -10.56
C GLU A 114 1.47 18.57 -10.33
N LEU A 115 0.54 17.70 -9.95
CA LEU A 115 0.90 16.27 -9.82
C LEU A 115 1.29 15.61 -11.09
N ALA A 116 0.66 15.94 -12.20
CA ALA A 116 1.04 15.32 -13.45
C ALA A 116 2.48 15.54 -13.78
N ALA A 117 2.93 16.78 -13.55
CA ALA A 117 4.27 17.18 -13.84
C ALA A 117 5.20 16.47 -12.88
N LEU A 118 4.81 16.49 -11.62
CA LEU A 118 5.68 15.88 -10.59
C LEU A 118 5.81 14.39 -10.80
N ILE A 119 4.73 13.65 -11.01
CA ILE A 119 4.78 12.23 -11.35
C ILE A 119 5.67 11.90 -12.56
N ALA A 120 5.42 12.60 -13.65
CA ALA A 120 6.18 12.40 -14.86
C ALA A 120 7.66 12.58 -14.67
N GLU A 121 8.08 13.40 -13.69
CA GLU A 121 9.50 13.59 -13.43
C GLU A 121 10.16 12.48 -12.63
N HIS A 122 9.38 11.47 -12.23
CA HIS A 122 9.97 10.37 -11.41
C HIS A 122 9.87 9.05 -12.06
N ASP A 123 10.67 8.09 -11.59
CA ASP A 123 10.60 6.73 -12.11
C ASP A 123 9.50 5.85 -11.51
N LEU A 124 9.12 6.20 -10.30
CA LEU A 124 8.23 5.41 -9.50
C LEU A 124 7.62 6.28 -8.42
N VAL A 125 6.36 6.03 -8.03
CA VAL A 125 5.68 6.80 -6.98
C VAL A 125 5.25 5.82 -5.85
N LEU A 126 5.48 6.20 -4.59
CA LEU A 126 4.92 5.50 -3.42
C LEU A 126 3.74 6.28 -2.87
N ASP A 127 2.62 5.57 -2.75
CA ASP A 127 1.41 6.05 -2.11
C ASP A 127 1.47 5.69 -0.62
N CYS A 128 1.81 6.59 0.24
CA CYS A 128 1.88 6.37 1.69
C CYS A 128 0.93 7.39 2.34
N THR A 129 -0.20 7.60 1.69
CA THR A 129 -1.10 8.63 2.15
C THR A 129 -2.14 8.06 3.10
N ASP A 130 -2.90 8.94 3.69
CA ASP A 130 -3.97 8.40 4.50
C ASP A 130 -5.40 8.36 3.97
N ASN A 131 -5.69 8.74 2.71
CA ASN A 131 -7.07 8.75 2.30
C ASN A 131 -7.19 8.47 0.84
N VAL A 132 -8.35 7.96 0.60
CA VAL A 132 -8.72 7.52 -0.69
C VAL A 132 -8.72 8.70 -1.66
N ALA A 133 -8.95 9.94 -1.24
CA ALA A 133 -8.98 11.04 -2.26
C ALA A 133 -7.64 11.29 -2.90
N VAL A 134 -6.61 11.33 -2.06
CA VAL A 134 -5.24 11.54 -2.58
C VAL A 134 -4.79 10.28 -3.34
N ARG A 135 -5.09 9.11 -2.82
CA ARG A 135 -4.72 7.84 -3.45
C ARG A 135 -5.33 7.78 -4.87
N ASN A 136 -6.62 8.18 -5.00
CA ASN A 136 -7.24 8.15 -6.35
C ASN A 136 -6.54 9.12 -7.24
N GLN A 137 -6.18 10.28 -6.71
CA GLN A 137 -5.41 11.31 -7.45
C GLN A 137 -4.10 10.72 -8.04
N LEU A 138 -3.34 10.07 -7.18
CA LEU A 138 -2.11 9.46 -7.60
C LEU A 138 -2.29 8.37 -8.62
N ASN A 139 -3.29 7.51 -8.44
CA ASN A 139 -3.54 6.47 -9.41
C ASN A 139 -3.85 7.07 -10.79
N ALA A 140 -4.66 8.12 -10.80
CA ALA A 140 -5.02 8.78 -12.07
C ALA A 140 -3.81 9.35 -12.76
N GLY A 141 -2.96 10.02 -12.01
CA GLY A 141 -1.76 10.56 -12.59
C GLY A 141 -0.75 9.52 -13.06
N CYS A 142 -0.58 8.48 -12.26
CA CYS A 142 0.29 7.40 -12.58
C CYS A 142 -0.18 6.61 -13.83
N PHE A 143 -1.49 6.42 -13.89
CA PHE A 143 -2.11 5.73 -15.00
C PHE A 143 -1.84 6.51 -16.29
N ALA A 144 -1.98 7.82 -16.20
CA ALA A 144 -1.87 8.57 -17.45
C ALA A 144 -0.43 8.57 -17.98
N ALA A 145 0.52 8.66 -17.06
CA ALA A 145 1.94 8.71 -17.43
C ALA A 145 2.68 7.39 -17.50
N LYS A 146 1.97 6.33 -17.13
CA LYS A 146 2.50 4.99 -17.00
C LYS A 146 3.72 4.92 -16.10
N VAL A 147 3.59 5.52 -14.93
CA VAL A 147 4.65 5.50 -13.93
C VAL A 147 4.16 4.63 -12.79
N PRO A 148 4.86 3.56 -12.47
CA PRO A 148 4.41 2.63 -11.43
C PRO A 148 4.15 3.29 -10.10
N LEU A 149 3.10 2.78 -9.48
CA LEU A 149 2.61 3.21 -8.16
C LEU A 149 2.67 2.03 -7.17
N VAL A 150 3.46 2.20 -6.12
CA VAL A 150 3.54 1.17 -5.07
C VAL A 150 2.69 1.69 -3.96
N SER A 151 1.57 1.00 -3.75
CA SER A 151 0.54 1.46 -2.87
C SER A 151 0.46 0.58 -1.61
N GLY A 152 0.57 1.24 -0.46
CA GLY A 152 0.48 0.60 0.84
C GLY A 152 -0.60 1.27 1.66
N ALA A 153 -1.28 0.52 2.54
CA ALA A 153 -2.27 1.09 3.43
C ALA A 153 -2.30 0.32 4.70
N ALA A 154 -2.60 1.03 5.79
CA ALA A 154 -2.67 0.40 7.11
C ALA A 154 -3.64 1.07 8.03
N ILE A 155 -4.35 0.26 8.82
CA ILE A 155 -5.21 0.77 9.89
C ILE A 155 -5.40 -0.36 10.87
N ARG A 156 -5.68 -0.01 12.12
CA ARG A 156 -5.94 -1.01 13.17
C ARG A 156 -4.85 -2.06 13.19
N MET A 157 -5.19 -3.30 12.79
CA MET A 157 -4.25 -4.40 12.76
C MET A 157 -4.26 -5.05 11.39
N GLU A 158 -4.49 -4.22 10.36
CA GLU A 158 -4.59 -4.75 9.00
C GLU A 158 -3.80 -3.85 8.01
N GLY A 159 -3.00 -4.50 7.18
CA GLY A 159 -2.29 -3.77 6.13
C GLY A 159 -2.48 -4.40 4.78
N GLN A 160 -2.25 -3.60 3.75
CA GLN A 160 -2.34 -4.08 2.37
C GLN A 160 -1.29 -3.46 1.51
N ILE A 161 -0.81 -4.21 0.55
CA ILE A 161 0.07 -3.70 -0.49
C ILE A 161 -0.29 -4.22 -1.89
N THR A 162 -0.17 -3.32 -2.87
CA THR A 162 -0.31 -3.70 -4.26
C THR A 162 0.59 -2.80 -5.07
N VAL A 163 1.12 -3.33 -6.14
CA VAL A 163 1.93 -2.55 -7.08
C VAL A 163 1.10 -2.43 -8.39
N PHE A 164 0.93 -1.22 -8.86
CA PHE A 164 0.27 -0.92 -10.16
C PHE A 164 1.32 -0.53 -11.18
N THR A 165 1.56 -1.38 -12.18
CA THR A 165 2.56 -1.08 -13.22
C THR A 165 1.96 -0.50 -14.46
N TYR A 166 0.61 -0.49 -14.56
CA TYR A 166 -0.12 0.10 -15.67
C TYR A 166 0.22 -0.55 -16.98
N GLN A 167 0.54 -1.82 -16.95
CA GLN A 167 0.65 -2.58 -18.22
C GLN A 167 -0.76 -2.88 -18.82
N ASP A 168 -0.83 -3.09 -20.13
CA ASP A 168 -2.11 -3.41 -20.75
C ASP A 168 -2.76 -4.61 -20.05
N GLY A 169 -4.06 -4.55 -19.77
CA GLY A 169 -4.73 -5.65 -19.07
C GLY A 169 -4.57 -5.76 -17.55
N GLU A 170 -3.79 -4.88 -16.93
CA GLU A 170 -3.60 -4.91 -15.48
C GLU A 170 -4.54 -3.97 -14.78
N PRO A 171 -5.01 -4.33 -13.60
CA PRO A 171 -5.90 -3.45 -12.91
C PRO A 171 -5.17 -2.20 -12.43
N CYS A 172 -5.94 -1.19 -12.18
CA CYS A 172 -5.46 0.04 -11.53
C CYS A 172 -6.09 0.16 -10.15
N TYR A 173 -5.78 1.20 -9.39
CA TYR A 173 -6.36 1.35 -8.05
C TYR A 173 -7.88 1.49 -8.05
N ARG A 174 -8.46 2.16 -9.05
CA ARG A 174 -9.93 2.24 -9.18
C ARG A 174 -10.64 0.92 -9.38
N CYS A 175 -9.96 -0.03 -10.01
CA CYS A 175 -10.52 -1.32 -10.16
C CYS A 175 -10.80 -1.96 -8.83
N LEU A 176 -10.02 -1.54 -7.84
CA LEU A 176 -10.21 -1.97 -6.42
C LEU A 176 -11.13 -1.04 -5.63
N SER A 177 -10.90 0.27 -5.69
CA SER A 177 -11.58 1.33 -4.96
C SER A 177 -13.07 1.37 -5.26
N ARG A 178 -13.42 0.84 -6.44
CA ARG A 178 -14.81 0.81 -6.89
C ARG A 178 -15.56 -0.21 -6.07
N LEU A 179 -14.84 -1.02 -5.27
CA LEU A 179 -15.48 -2.10 -4.49
C LEU A 179 -15.93 -1.65 -3.13
N PHE A 180 -15.78 -0.36 -2.84
CA PHE A 180 -16.17 0.11 -1.52
C PHE A 180 -16.40 1.61 -1.46
N GLY A 181 -16.73 2.09 -0.27
CA GLY A 181 -16.88 3.51 -0.03
C GLY A 181 -15.97 3.93 1.14
N GLU A 189 -9.11 8.88 14.96
CA GLU A 189 -10.30 8.26 14.37
C GLU A 189 -10.29 6.81 14.78
N ALA A 190 -9.72 5.96 13.93
CA ALA A 190 -9.53 4.55 14.27
C ALA A 190 -8.06 4.42 14.70
N GLY A 191 -7.80 3.42 15.48
CA GLY A 191 -6.43 3.19 15.89
C GLY A 191 -5.54 2.58 14.81
N VAL A 192 -4.27 2.46 15.18
CA VAL A 192 -3.30 1.70 14.41
C VAL A 192 -2.14 1.29 15.32
N MET A 193 -1.74 0.04 15.24
CA MET A 193 -0.65 -0.47 16.03
C MET A 193 0.74 -0.14 15.40
N ALA A 194 1.67 0.44 16.17
CA ALA A 194 2.90 0.98 15.56
C ALA A 194 3.64 0.10 14.56
N PRO A 195 4.02 -1.13 14.91
CA PRO A 195 4.79 -1.95 13.95
C PRO A 195 4.09 -2.34 12.70
N LEU A 196 2.78 -2.23 12.63
CA LEU A 196 2.06 -2.50 11.39
C LEU A 196 2.61 -1.61 10.25
N ILE A 197 2.86 -0.33 10.55
CA ILE A 197 3.41 0.64 9.59
C ILE A 197 4.80 0.22 9.11
N GLY A 198 5.56 -0.38 9.99
CA GLY A 198 6.88 -0.90 9.67
C GLY A 198 6.80 -2.04 8.67
N VAL A 199 5.88 -2.98 8.90
CA VAL A 199 5.72 -4.08 8.01
C VAL A 199 5.33 -3.61 6.60
N ILE A 200 4.28 -2.82 6.51
CA ILE A 200 3.77 -2.37 5.21
C ILE A 200 4.75 -1.43 4.55
N GLY A 201 5.26 -0.47 5.30
CA GLY A 201 6.22 0.47 4.72
C GLY A 201 7.45 -0.22 4.14
N SER A 202 7.97 -1.19 4.88
CA SER A 202 9.14 -1.92 4.45
C SER A 202 8.82 -2.73 3.17
N LEU A 203 7.63 -3.33 3.12
CA LEU A 203 7.17 -4.02 1.88
C LEU A 203 7.11 -3.05 0.71
N GLN A 204 6.64 -1.85 0.95
CA GLN A 204 6.61 -0.84 -0.09
C GLN A 204 8.01 -0.52 -0.62
N ALA A 205 8.95 -0.32 0.32
CA ALA A 205 10.32 -0.10 -0.08
C ALA A 205 10.88 -1.26 -0.90
N MET A 206 10.64 -2.49 -0.44
CA MET A 206 11.07 -3.68 -1.17
C MET A 206 10.53 -3.70 -2.61
N GLU A 207 9.23 -3.49 -2.74
CA GLU A 207 8.62 -3.54 -4.08
C GLU A 207 9.20 -2.42 -4.94
N ALA A 208 9.43 -1.24 -4.40
CA ALA A 208 10.05 -0.16 -5.14
C ALA A 208 11.45 -0.51 -5.65
N ILE A 209 12.30 -1.06 -4.77
CA ILE A 209 13.61 -1.51 -5.19
C ILE A 209 13.54 -2.54 -6.31
N LYS A 210 12.64 -3.52 -6.18
CA LYS A 210 12.50 -4.54 -7.18
C LYS A 210 12.11 -3.91 -8.52
N MET A 211 11.22 -2.94 -8.48
CA MET A 211 10.77 -2.33 -9.77
C MET A 211 11.90 -1.50 -10.40
N LEU A 212 12.62 -0.75 -9.57
CA LEU A 212 13.68 0.13 -10.07
C LEU A 212 14.81 -0.63 -10.70
N ALA A 213 15.17 -1.74 -10.09
CA ALA A 213 16.32 -2.52 -10.51
C ALA A 213 15.93 -3.63 -11.46
N GLY A 214 14.64 -3.82 -11.68
CA GLY A 214 14.11 -4.98 -12.42
C GLY A 214 14.48 -6.33 -11.86
N TYR A 215 14.36 -6.44 -10.53
CA TYR A 215 14.82 -7.58 -9.77
C TYR A 215 13.59 -8.27 -9.20
N GLY A 216 13.45 -9.55 -9.47
CA GLY A 216 12.31 -10.33 -9.04
C GLY A 216 11.03 -9.98 -9.75
N LYS A 217 9.90 -10.29 -9.13
CA LYS A 217 8.61 -10.11 -9.74
C LYS A 217 7.75 -9.17 -8.91
N PRO A 218 7.25 -8.09 -9.50
CA PRO A 218 6.45 -7.18 -8.67
C PRO A 218 5.15 -7.79 -8.18
N ALA A 219 4.67 -7.30 -7.04
CA ALA A 219 3.37 -7.66 -6.47
C ALA A 219 2.18 -6.99 -7.18
N SER A 220 2.13 -7.17 -8.49
CA SER A 220 1.07 -6.55 -9.31
C SER A 220 -0.04 -7.61 -9.54
N GLY A 221 -1.24 -7.17 -9.79
CA GLY A 221 -2.36 -8.10 -10.04
C GLY A 221 -2.84 -8.88 -8.82
N LYS A 222 -2.46 -8.42 -7.64
CA LYS A 222 -2.89 -9.05 -6.39
C LYS A 222 -2.87 -8.03 -5.28
N ILE A 223 -3.65 -8.27 -4.21
CA ILE A 223 -3.58 -7.47 -3.00
C ILE A 223 -2.95 -8.42 -2.02
N VAL A 224 -1.89 -7.93 -1.34
CA VAL A 224 -1.32 -8.73 -0.28
C VAL A 224 -1.85 -8.12 0.99
N MET A 225 -2.56 -8.93 1.76
CA MET A 225 -3.20 -8.43 2.99
C MET A 225 -2.53 -9.13 4.15
N TYR A 226 -2.13 -8.31 5.11
CA TYR A 226 -1.48 -8.78 6.33
C TYR A 226 -2.51 -8.58 7.47
N ASP A 227 -2.84 -9.69 8.16
CA ASP A 227 -3.78 -9.68 9.27
C ASP A 227 -2.94 -9.86 10.52
N ALA A 228 -2.58 -8.75 11.16
CA ALA A 228 -1.64 -8.80 12.23
C ALA A 228 -2.15 -9.51 13.48
N MET A 229 -3.45 -9.53 13.68
CA MET A 229 -4.00 -10.18 14.87
C MET A 229 -3.67 -11.68 14.90
N THR A 230 -3.67 -12.33 13.72
CA THR A 230 -3.36 -13.78 13.63
C THR A 230 -2.06 -14.11 12.90
N CYS A 231 -1.31 -13.06 12.54
CA CYS A 231 -0.08 -13.19 11.75
C CYS A 231 -0.37 -14.05 10.49
N GLN A 232 -1.39 -13.67 9.73
CA GLN A 232 -1.76 -14.33 8.51
C GLN A 232 -1.62 -13.38 7.34
N PHE A 233 -1.18 -13.93 6.23
CA PHE A 233 -0.98 -13.14 5.00
C PHE A 233 -1.82 -13.82 3.97
N ARG A 234 -2.62 -13.06 3.23
CA ARG A 234 -3.48 -13.62 2.20
C ARG A 234 -3.18 -12.80 0.94
N GLU A 235 -2.98 -13.52 -0.17
CA GLU A 235 -2.81 -12.95 -1.46
C GLU A 235 -4.14 -13.21 -2.20
N MET A 236 -4.76 -12.16 -2.68
CA MET A 236 -5.98 -12.27 -3.42
C MET A 236 -5.79 -11.62 -4.75
N LYS A 237 -6.12 -12.33 -5.82
CA LYS A 237 -5.97 -11.84 -7.18
C LYS A 237 -6.88 -10.65 -7.43
N LEU A 238 -6.30 -9.63 -8.08
CA LEU A 238 -7.00 -8.43 -8.45
C LEU A 238 -7.12 -8.37 -9.97
N MET A 239 -8.35 -8.47 -10.46
CA MET A 239 -8.64 -8.37 -11.91
C MET A 239 -9.04 -6.99 -12.32
N ARG A 240 -8.72 -6.63 -13.56
CA ARG A 240 -9.19 -5.38 -14.14
C ARG A 240 -10.72 -5.41 -14.17
N ASN A 241 -11.35 -4.30 -13.80
CA ASN A 241 -12.81 -4.13 -13.84
C ASN A 241 -13.19 -3.44 -15.13
N PRO A 242 -13.93 -4.14 -16.00
CA PRO A 242 -14.29 -3.69 -17.36
C PRO A 242 -14.68 -2.24 -17.59
N GLY A 243 -15.52 -1.68 -16.74
CA GLY A 243 -15.95 -0.29 -16.89
C GLY A 243 -15.40 0.71 -15.90
N CYS A 244 -14.41 0.30 -15.09
CA CYS A 244 -13.74 1.20 -14.13
C CYS A 244 -13.49 2.49 -14.89
N GLU A 245 -13.84 3.60 -14.25
CA GLU A 245 -13.76 4.94 -14.81
C GLU A 245 -12.36 5.36 -15.20
N VAL A 246 -11.32 4.70 -14.69
CA VAL A 246 -9.99 5.10 -15.05
C VAL A 246 -9.39 4.30 -16.21
N CYS A 247 -9.39 2.98 -16.11
CA CYS A 247 -8.71 2.13 -17.10
C CYS A 247 -9.65 1.30 -17.93
N GLY A 248 -10.95 1.38 -17.65
CA GLY A 248 -11.95 0.61 -18.36
C GLY A 248 -11.97 1.03 -19.80
N MET B 1 -21.05 -27.53 0.70
CA MET B 1 -21.09 -26.37 1.63
C MET B 1 -20.24 -25.25 1.02
N ILE B 2 -20.54 -24.02 1.41
CA ILE B 2 -19.67 -22.88 1.14
C ILE B 2 -18.85 -22.53 2.38
N LYS B 3 -17.53 -22.42 2.20
CA LYS B 3 -16.67 -22.05 3.32
C LYS B 3 -16.60 -20.52 3.33
N VAL B 4 -16.87 -19.92 4.47
CA VAL B 4 -16.83 -18.46 4.54
C VAL B 4 -15.79 -18.12 5.60
N LEU B 5 -14.78 -17.33 5.23
CA LEU B 5 -13.69 -16.94 6.12
C LEU B 5 -13.83 -15.47 6.45
N PHE B 6 -13.44 -15.08 7.65
CA PHE B 6 -13.52 -13.71 8.08
C PHE B 6 -12.12 -13.33 8.50
N PHE B 7 -11.65 -12.13 8.13
CA PHE B 7 -10.36 -11.68 8.55
C PHE B 7 -10.43 -10.27 9.15
N ALA B 8 -9.37 -9.96 9.87
CA ALA B 8 -9.14 -8.65 10.44
C ALA B 8 -10.28 -8.14 11.32
N GLN B 9 -10.70 -6.90 11.16
CA GLN B 9 -11.78 -6.38 11.98
C GLN B 9 -13.09 -7.17 11.79
N VAL B 10 -13.36 -7.68 10.58
CA VAL B 10 -14.59 -8.47 10.36
C VAL B 10 -14.61 -9.60 11.41
N ARG B 11 -13.52 -10.36 11.47
CA ARG B 11 -13.36 -11.49 12.39
C ARG B 11 -13.47 -11.02 13.81
N GLU B 12 -12.81 -9.93 14.13
CA GLU B 12 -12.80 -9.49 15.50
C GLU B 12 -14.23 -9.04 15.93
N LEU B 13 -15.00 -8.46 15.03
CA LEU B 13 -16.36 -8.04 15.36
C LEU B 13 -17.35 -9.17 15.44
N VAL B 14 -17.21 -10.18 14.61
CA VAL B 14 -18.22 -11.26 14.60
C VAL B 14 -17.92 -12.48 15.45
N GLY B 15 -16.69 -12.63 15.87
CA GLY B 15 -16.31 -13.67 16.82
C GLY B 15 -15.96 -15.04 16.28
N THR B 16 -15.84 -15.15 14.97
CA THR B 16 -15.45 -16.41 14.37
C THR B 16 -14.56 -16.17 13.15
N ASP B 17 -13.65 -17.10 12.99
CA ASP B 17 -12.67 -17.01 11.91
C ASP B 17 -13.16 -17.68 10.64
N ALA B 18 -14.16 -18.54 10.81
CA ALA B 18 -14.67 -19.40 9.75
C ALA B 18 -16.00 -20.08 10.09
N THR B 19 -16.84 -20.23 9.09
CA THR B 19 -18.03 -21.02 9.28
C THR B 19 -18.48 -21.59 7.96
N GLU B 20 -18.90 -22.86 7.98
CA GLU B 20 -19.43 -23.50 6.78
C GLU B 20 -20.91 -23.24 6.68
N VAL B 21 -21.39 -22.75 5.54
CA VAL B 21 -22.80 -22.48 5.38
C VAL B 21 -23.39 -23.37 4.25
N ALA B 22 -24.69 -23.60 4.30
CA ALA B 22 -25.33 -24.34 3.23
C ALA B 22 -25.14 -23.53 1.96
N ALA B 23 -25.22 -24.21 0.82
CA ALA B 23 -25.01 -23.55 -0.46
C ALA B 23 -26.30 -22.97 -1.04
N ASP B 24 -26.98 -22.13 -0.27
CA ASP B 24 -28.26 -21.57 -0.68
C ASP B 24 -28.17 -20.12 -0.99
N PHE B 25 -26.98 -19.65 -1.29
CA PHE B 25 -26.74 -18.27 -1.58
C PHE B 25 -26.31 -18.14 -3.02
N PRO B 26 -27.16 -17.49 -3.78
CA PRO B 26 -26.96 -17.32 -5.21
C PRO B 26 -25.71 -16.47 -5.51
N THR B 27 -25.54 -15.39 -4.75
CA THR B 27 -24.41 -14.47 -4.94
C THR B 27 -23.79 -14.08 -3.62
N VAL B 28 -22.65 -13.42 -3.71
CA VAL B 28 -22.00 -12.91 -2.52
C VAL B 28 -22.94 -11.95 -1.84
N GLU B 29 -23.64 -11.11 -2.59
CA GLU B 29 -24.60 -10.22 -1.94
C GLU B 29 -25.65 -10.96 -1.05
N ALA B 30 -26.18 -12.13 -1.48
CA ALA B 30 -27.23 -12.79 -0.71
C ALA B 30 -26.65 -13.31 0.60
N LEU B 31 -25.44 -13.84 0.49
CA LEU B 31 -24.73 -14.34 1.64
C LEU B 31 -24.48 -13.21 2.61
N ARG B 32 -23.95 -12.10 2.13
CA ARG B 32 -23.70 -10.94 3.00
C ARG B 32 -24.94 -10.37 3.69
N GLN B 33 -25.99 -10.14 2.92
CA GLN B 33 -27.22 -9.60 3.51
C GLN B 33 -27.77 -10.55 4.54
N HIS B 34 -27.77 -11.85 4.26
CA HIS B 34 -28.22 -12.82 5.26
C HIS B 34 -27.40 -12.72 6.54
N MET B 35 -26.09 -12.70 6.42
CA MET B 35 -25.29 -12.67 7.62
C MET B 35 -25.39 -11.33 8.36
N ALA B 36 -25.50 -10.23 7.61
CA ALA B 36 -25.55 -8.89 8.16
C ALA B 36 -26.77 -8.59 9.02
N ALA B 37 -27.85 -9.34 8.81
CA ALA B 37 -29.10 -9.07 9.48
C ALA B 37 -29.19 -9.86 10.79
N GLN B 38 -28.15 -10.62 11.17
CA GLN B 38 -28.24 -11.39 12.42
C GLN B 38 -28.26 -10.55 13.68
N SER B 39 -27.51 -9.44 13.64
CA SER B 39 -27.40 -8.52 14.74
C SER B 39 -26.80 -7.22 14.24
N ASP B 40 -26.96 -6.16 15.04
CA ASP B 40 -26.39 -4.87 14.72
C ASP B 40 -24.89 -5.05 14.56
N ARG B 41 -24.33 -5.89 15.42
CA ARG B 41 -22.91 -6.08 15.41
C ARG B 41 -22.51 -6.70 14.07
N TRP B 42 -23.25 -7.72 13.64
CA TRP B 42 -23.00 -8.33 12.32
C TRP B 42 -23.20 -7.33 11.16
N ALA B 43 -24.19 -6.46 11.31
CA ALA B 43 -24.45 -5.46 10.25
C ALA B 43 -23.31 -4.46 10.18
N LEU B 44 -22.69 -4.17 11.31
CA LEU B 44 -21.54 -3.26 11.30
C LEU B 44 -20.33 -3.88 10.60
N ALA B 45 -20.05 -5.15 10.92
CA ALA B 45 -18.93 -5.86 10.37
C ALA B 45 -19.02 -6.03 8.86
N LEU B 46 -20.24 -6.23 8.34
CA LEU B 46 -20.44 -6.55 6.95
C LEU B 46 -21.14 -5.44 6.19
N GLU B 47 -21.03 -4.23 6.72
CA GLU B 47 -21.66 -3.04 6.16
C GLU B 47 -21.23 -2.79 4.72
N ASP B 48 -22.23 -2.66 3.86
CA ASP B 48 -21.96 -2.41 2.46
C ASP B 48 -21.18 -1.13 2.41
N GLY B 49 -20.10 -1.16 1.63
CA GLY B 49 -19.26 0.01 1.47
C GLY B 49 -18.08 -0.04 2.40
N LYS B 50 -18.12 -0.95 3.37
CA LYS B 50 -17.04 -1.10 4.34
C LYS B 50 -16.61 -2.52 4.29
N LEU B 51 -16.77 -3.18 3.14
CA LEU B 51 -16.45 -4.60 3.00
C LEU B 51 -15.86 -5.02 1.67
N LEU B 52 -14.86 -5.89 1.68
CA LEU B 52 -14.33 -6.59 0.51
C LEU B 52 -14.63 -8.08 0.57
N ALA B 53 -14.74 -8.70 -0.59
CA ALA B 53 -14.98 -10.11 -0.66
C ALA B 53 -14.13 -10.79 -1.71
N ALA B 54 -13.49 -11.89 -1.35
CA ALA B 54 -12.77 -12.72 -2.31
C ALA B 54 -13.44 -14.10 -2.45
N VAL B 55 -13.60 -14.58 -3.68
CA VAL B 55 -14.14 -15.94 -3.91
C VAL B 55 -13.06 -16.79 -4.54
N ASN B 56 -12.70 -17.88 -3.90
CA ASN B 56 -11.63 -18.72 -4.35
C ASN B 56 -10.33 -17.92 -4.60
N GLN B 57 -10.05 -17.01 -3.69
CA GLN B 57 -8.80 -16.25 -3.77
C GLN B 57 -8.76 -15.11 -4.80
N THR B 58 -9.89 -14.82 -5.45
CA THR B 58 -10.01 -13.65 -6.39
C THR B 58 -10.94 -12.63 -5.85
N LEU B 59 -10.54 -11.36 -5.84
CA LEU B 59 -11.40 -10.29 -5.39
C LEU B 59 -12.54 -10.15 -6.36
N VAL B 60 -13.76 -10.12 -5.85
CA VAL B 60 -14.92 -9.99 -6.74
C VAL B 60 -15.89 -8.97 -6.27
N SER B 61 -16.80 -8.58 -7.15
CA SER B 61 -17.84 -7.70 -6.73
C SER B 61 -18.94 -8.52 -6.04
N PHE B 62 -19.83 -7.87 -5.34
CA PHE B 62 -20.84 -8.56 -4.52
C PHE B 62 -21.90 -9.26 -5.39
N ASP B 63 -21.94 -8.93 -6.69
CA ASP B 63 -22.87 -9.57 -7.61
C ASP B 63 -22.31 -10.89 -8.10
N HIS B 64 -21.08 -11.21 -7.72
CA HIS B 64 -20.52 -12.48 -8.17
C HIS B 64 -21.30 -13.70 -7.68
N PRO B 65 -21.49 -14.68 -8.55
CA PRO B 65 -22.25 -15.88 -8.16
C PRO B 65 -21.48 -16.77 -7.22
N LEU B 66 -22.20 -17.49 -6.37
CA LEU B 66 -21.59 -18.49 -5.52
C LEU B 66 -22.03 -19.87 -5.93
N THR B 67 -21.17 -20.85 -5.71
CA THR B 67 -21.42 -22.22 -6.05
C THR B 67 -20.96 -23.12 -4.93
N ASP B 68 -21.65 -24.25 -4.76
CA ASP B 68 -21.28 -25.17 -3.72
C ASP B 68 -19.81 -25.48 -3.85
N GLY B 69 -19.11 -25.48 -2.73
CA GLY B 69 -17.69 -25.76 -2.77
C GLY B 69 -16.85 -24.49 -2.70
N ASP B 70 -17.43 -23.37 -3.09
CA ASP B 70 -16.70 -22.09 -3.10
C ASP B 70 -16.21 -21.72 -1.69
N GLU B 71 -15.08 -21.01 -1.67
CA GLU B 71 -14.56 -20.40 -0.45
C GLU B 71 -14.78 -18.89 -0.62
N VAL B 72 -15.41 -18.27 0.36
CA VAL B 72 -15.65 -16.85 0.33
C VAL B 72 -14.91 -16.22 1.54
N ALA B 73 -14.10 -15.19 1.26
CA ALA B 73 -13.39 -14.44 2.31
C ALA B 73 -13.88 -13.00 2.36
N PHE B 74 -14.28 -12.60 3.55
CA PHE B 74 -14.79 -11.30 3.82
C PHE B 74 -13.76 -10.58 4.72
N PHE B 75 -13.40 -9.37 4.33
CA PHE B 75 -12.42 -8.61 5.08
C PHE B 75 -12.54 -7.13 4.74
N PRO B 76 -12.05 -6.26 5.60
CA PRO B 76 -12.19 -4.85 5.34
C PRO B 76 -11.21 -4.28 4.34
N PRO B 77 -11.65 -3.27 3.64
CA PRO B 77 -10.68 -2.49 2.85
C PRO B 77 -9.93 -1.59 3.80
N VAL B 78 -8.76 -1.11 3.36
CA VAL B 78 -7.98 -0.19 4.16
C VAL B 78 -7.50 1.00 3.29
N THR B 79 -7.57 2.22 3.82
CA THR B 79 -7.03 3.38 3.11
C THR B 79 -6.11 4.06 4.08
N GLY B 80 -5.92 3.57 5.37
CA GLY B 80 -4.83 3.98 6.25
C GLY B 80 -3.63 4.09 5.26
N GLY B 81 -3.14 5.18 5.25
CA GLY B 81 -3.18 5.47 6.51
C GLY B 81 -1.83 5.24 6.50
#